data_8GZL
#
_entry.id   8GZL
#
_cell.length_a   26.800
_cell.length_b   45.690
_cell.length_c   147.020
_cell.angle_alpha   90.000
_cell.angle_beta   92.870
_cell.angle_gamma   90.000
#
_symmetry.space_group_name_H-M   'P 1 21 1'
#
loop_
_entity.id
_entity.type
_entity.pdbx_description
1 polymer '25-mer DNA'
2 non-polymer 'CADMIUM ION'
3 non-polymer 'BARIUM ION'
4 water water
#
_entity_poly.entity_id   1
_entity_poly.type   'polydeoxyribonucleotide'
_entity_poly.pdbx_seq_one_letter_code
;(DG)(DA)(DC)(DG)(DA)(DC)(DG)(DG)(DG)(DT)(DC)(DC)(DA)(DC)(DG)(DG)(DT)(DC)(DC)(DG)
(DT)(DT)(DG)(DT)(DC)
;
_entity_poly.pdbx_strand_id   A,B,C,D
#
loop_
_chem_comp.id
_chem_comp.type
_chem_comp.name
_chem_comp.formula
BA non-polymer 'BARIUM ION' 'Ba 2'
CD non-polymer 'CADMIUM ION' 'Cd 2'
DA DNA linking 2'-DEOXYADENOSINE-5'-MONOPHOSPHATE 'C10 H14 N5 O6 P'
DC DNA linking 2'-DEOXYCYTIDINE-5'-MONOPHOSPHATE 'C9 H14 N3 O7 P'
DG DNA linking 2'-DEOXYGUANOSINE-5'-MONOPHOSPHATE 'C10 H14 N5 O7 P'
DT DNA linking THYMIDINE-5'-MONOPHOSPHATE 'C10 H15 N2 O8 P'
#
# COMPACT_ATOMS: atom_id res chain seq x y z
CD CD E . -5.57 10.62 -4.28
CD CD F . -0.60 17.24 5.32
BA BA G . 5.82 -3.14 -25.65
CD CD H . 16.74 -25.34 -46.14
BA BA I . 8.84 -10.09 -24.35
CD CD J . -20.03 16.49 61.76
CD CD K . -5.19 -5.77 33.34
#